data_6RGJ
#
_entry.id   6RGJ
#
_cell.length_a   80.638
_cell.length_b   80.638
_cell.length_c   113.437
_cell.angle_alpha   90.00
_cell.angle_beta   90.00
_cell.angle_gamma   120.00
#
_symmetry.space_group_name_H-M   'P 31 2 1'
#
loop_
_entity.id
_entity.type
_entity.pdbx_description
1 polymer 'Lectin PHL'
2 non-polymer 1,2-ETHANEDIOL
3 non-polymer beta-D-glucopyranose
4 non-polymer 'SODIUM ION'
5 non-polymer 'CHLORIDE ION'
6 water water
#
_entity_poly.entity_id   1
_entity_poly.type   'polypeptide(L)'
_entity_poly.pdbx_seq_one_letter_code
;MQPINTSNPDNTASYVKDEVEITSSTIALSEIVSVVNTSDGRLEVFGVGTDKAVWHNRQMAPHTGSPWSGWSSLKGQVTS
KPVVYINTDGRLEVFARGTDNALWHIWQTATNAGWSNWQSLGGVITSNPAIYANTDGRLEVFARGADNALWHISQTTAHS
GPWSSWASLNGVITSNPTVHINSDGRLEVFARGTDNALWHIWQTAPDSNLWSSWESLNGIITSDPVVIDTADGRLEVFAR
GADNALWHIWQTISHSGPWSGWQSLNGVITSAPAVAKNCDNRLEAFARGTDNALWHTWQTVSHSGPWSSWQSLNGVITSA
PTAVRDADGRLEVFARGTDNALWLTWQTASSWSPWISLGGVLIDASAIK
;
_entity_poly.pdbx_strand_id   A
#
loop_
_chem_comp.id
_chem_comp.type
_chem_comp.name
_chem_comp.formula
BGC D-saccharide, beta linking beta-D-glucopyranose 'C6 H12 O6'
CL non-polymer 'CHLORIDE ION' 'Cl -1'
EDO non-polymer 1,2-ETHANEDIOL 'C2 H6 O2'
NA non-polymer 'SODIUM ION' 'Na 1'
#
# COMPACT_ATOMS: atom_id res chain seq x y z
N THR A 26 -4.28 1.99 18.51
CA THR A 26 -5.16 2.04 17.29
C THR A 26 -4.54 2.90 16.18
N ILE A 27 -5.09 2.76 14.98
CA ILE A 27 -4.68 3.53 13.77
C ILE A 27 -5.96 3.96 13.07
N ALA A 28 -5.87 4.99 12.23
CA ALA A 28 -6.98 5.46 11.37
C ALA A 28 -7.50 4.30 10.53
N LEU A 29 -8.78 4.35 10.17
CA LEU A 29 -9.44 3.32 9.33
C LEU A 29 -8.60 3.04 8.09
N SER A 30 -8.36 1.75 7.80
CA SER A 30 -7.43 1.24 6.77
C SER A 30 -8.06 1.27 5.38
N GLU A 31 -7.19 1.28 4.36
CA GLU A 31 -7.55 0.80 3.00
C GLU A 31 -8.05 -0.64 3.12
N ILE A 32 -9.04 -1.05 2.33
CA ILE A 32 -9.64 -2.42 2.45
C ILE A 32 -9.27 -3.26 1.24
N VAL A 33 -8.68 -2.65 0.22
CA VAL A 33 -8.20 -3.44 -0.96
C VAL A 33 -6.73 -3.13 -1.24
N SER A 34 -6.09 -4.08 -1.90
CA SER A 34 -4.78 -3.93 -2.56
C SER A 34 -5.00 -3.91 -4.08
N VAL A 35 -4.40 -2.95 -4.79
CA VAL A 35 -4.58 -2.80 -6.26
C VAL A 35 -3.21 -2.76 -6.95
N VAL A 36 -3.13 -3.33 -8.14
CA VAL A 36 -1.93 -3.16 -9.01
C VAL A 36 -2.35 -2.90 -10.45
N ASN A 37 -1.46 -2.29 -11.22
N ASN A 37 -1.45 -2.23 -11.15
CA ASN A 37 -1.60 -2.12 -12.69
CA ASN A 37 -1.33 -2.23 -12.63
C ASN A 37 -0.74 -3.24 -13.31
C ASN A 37 -0.70 -3.54 -13.04
N THR A 38 -1.40 -4.30 -13.86
CA THR A 38 -0.84 -5.58 -14.36
C THR A 38 0.20 -5.29 -15.44
N SER A 39 0.96 -6.32 -15.82
CA SER A 39 2.00 -6.22 -16.87
C SER A 39 1.33 -5.90 -18.22
N ASP A 40 0.01 -6.14 -18.36
CA ASP A 40 -0.73 -5.76 -19.60
C ASP A 40 -1.65 -4.56 -19.35
N GLY A 41 -1.39 -3.75 -18.32
CA GLY A 41 -1.95 -2.40 -18.17
C GLY A 41 -3.38 -2.39 -17.67
N ARG A 42 -3.80 -3.45 -16.96
CA ARG A 42 -5.16 -3.55 -16.38
C ARG A 42 -5.07 -3.39 -14.86
N LEU A 43 -6.04 -2.70 -14.26
CA LEU A 43 -6.16 -2.66 -12.79
C LEU A 43 -6.73 -3.99 -12.30
N GLU A 44 -6.14 -4.52 -11.22
CA GLU A 44 -6.63 -5.74 -10.55
C GLU A 44 -6.62 -5.46 -9.05
N VAL A 45 -7.76 -5.70 -8.40
CA VAL A 45 -8.00 -5.29 -6.99
C VAL A 45 -8.27 -6.54 -6.16
N PHE A 46 -7.72 -6.57 -4.95
CA PHE A 46 -7.81 -7.73 -4.04
C PHE A 46 -8.40 -7.28 -2.71
N GLY A 47 -9.42 -8.02 -2.24
CA GLY A 47 -10.14 -7.72 -1.00
C GLY A 47 -10.49 -8.99 -0.26
N VAL A 48 -11.21 -8.83 0.87
CA VAL A 48 -11.58 -9.98 1.75
C VAL A 48 -13.10 -9.98 1.92
N GLY A 49 -13.71 -11.16 1.82
CA GLY A 49 -15.16 -11.36 2.02
C GLY A 49 -15.47 -11.73 3.46
N THR A 50 -16.77 -11.84 3.79
CA THR A 50 -17.22 -12.09 5.18
C THR A 50 -16.73 -13.46 5.65
N ASP A 51 -16.48 -14.39 4.72
CA ASP A 51 -16.00 -15.76 5.08
C ASP A 51 -14.46 -15.83 4.97
N LYS A 52 -13.77 -14.68 4.86
CA LYS A 52 -12.30 -14.54 5.08
C LYS A 52 -11.51 -15.09 3.88
N ALA A 53 -12.17 -15.37 2.75
CA ALA A 53 -11.47 -15.70 1.49
C ALA A 53 -11.00 -14.41 0.84
N VAL A 54 -9.99 -14.52 -0.01
CA VAL A 54 -9.48 -13.38 -0.80
C VAL A 54 -10.26 -13.40 -2.11
N TRP A 55 -10.81 -12.25 -2.50
CA TRP A 55 -11.53 -12.08 -3.79
C TRP A 55 -10.76 -11.07 -4.64
N HIS A 56 -10.85 -11.22 -5.96
CA HIS A 56 -10.23 -10.23 -6.88
C HIS A 56 -11.23 -9.84 -7.98
N ASN A 57 -11.03 -8.61 -8.47
CA ASN A 57 -11.82 -7.97 -9.55
C ASN A 57 -10.82 -7.32 -10.49
N ARG A 58 -11.01 -7.45 -11.79
CA ARG A 58 -10.03 -6.89 -12.73
C ARG A 58 -10.71 -6.25 -13.92
N GLN A 59 -10.06 -5.20 -14.41
CA GLN A 59 -10.46 -4.54 -15.68
C GLN A 59 -10.30 -5.55 -16.81
N MET A 60 -11.26 -5.58 -17.73
CA MET A 60 -11.16 -6.37 -18.97
C MET A 60 -10.13 -5.74 -19.92
N ALA A 61 -10.08 -4.41 -19.98
CA ALA A 61 -9.30 -3.68 -21.00
C ALA A 61 -8.41 -2.65 -20.32
N PRO A 62 -7.26 -2.30 -20.94
CA PRO A 62 -6.29 -1.40 -20.32
C PRO A 62 -6.64 0.10 -20.47
N HIS A 63 -7.82 0.50 -20.01
CA HIS A 63 -8.31 1.89 -20.17
C HIS A 63 -9.24 2.28 -19.04
N THR A 64 -9.24 3.58 -18.72
CA THR A 64 -10.16 4.18 -17.73
C THR A 64 -11.58 3.82 -18.15
N GLY A 65 -12.40 3.34 -17.21
CA GLY A 65 -13.82 3.05 -17.43
C GLY A 65 -14.02 1.70 -18.12
N SER A 66 -12.98 0.86 -18.17
CA SER A 66 -13.08 -0.55 -18.66
C SER A 66 -14.17 -1.27 -17.89
N PRO A 67 -14.89 -2.22 -18.54
CA PRO A 67 -15.71 -3.17 -17.79
C PRO A 67 -14.83 -3.97 -16.83
N TRP A 68 -15.45 -4.46 -15.77
CA TRP A 68 -14.80 -5.27 -14.73
C TRP A 68 -15.27 -6.72 -14.82
N SER A 69 -14.42 -7.66 -14.39
CA SER A 69 -14.74 -9.10 -14.29
C SER A 69 -15.96 -9.33 -13.40
N GLY A 70 -16.05 -8.55 -12.32
CA GLY A 70 -16.80 -8.94 -11.11
C GLY A 70 -15.88 -9.70 -10.17
N TRP A 71 -16.28 -9.83 -8.92
CA TRP A 71 -15.49 -10.51 -7.87
C TRP A 71 -15.47 -12.01 -8.10
N SER A 72 -14.29 -12.62 -8.07
CA SER A 72 -14.09 -14.08 -8.01
C SER A 72 -13.16 -14.42 -6.85
N SER A 73 -13.35 -15.60 -6.27
CA SER A 73 -12.65 -16.06 -5.04
C SER A 73 -11.33 -16.74 -5.41
N LEU A 74 -10.25 -16.35 -4.74
CA LEU A 74 -8.96 -17.07 -4.77
C LEU A 74 -8.87 -17.95 -3.52
N LYS A 75 -9.98 -18.08 -2.80
CA LYS A 75 -10.10 -18.95 -1.59
C LYS A 75 -9.15 -18.42 -0.51
N GLY A 76 -8.54 -19.32 0.27
CA GLY A 76 -7.76 -18.95 1.47
C GLY A 76 -8.66 -18.58 2.64
N GLN A 77 -8.03 -18.37 3.80
CA GLN A 77 -8.65 -17.95 5.07
C GLN A 77 -7.66 -16.99 5.72
N VAL A 78 -7.88 -15.70 5.55
CA VAL A 78 -6.86 -14.67 5.88
C VAL A 78 -7.28 -13.94 7.16
N THR A 79 -6.27 -13.50 7.90
CA THR A 79 -6.38 -12.66 9.13
C THR A 79 -5.53 -11.40 9.00
N SER A 80 -5.22 -10.98 7.77
CA SER A 80 -4.62 -9.65 7.48
C SER A 80 -5.21 -9.12 6.18
N LYS A 81 -4.98 -7.85 5.88
CA LYS A 81 -5.17 -7.31 4.52
C LYS A 81 -4.34 -8.18 3.56
N PRO A 82 -4.92 -8.65 2.44
CA PRO A 82 -4.16 -9.34 1.41
C PRO A 82 -3.46 -8.28 0.55
N VAL A 83 -2.19 -8.50 0.24
CA VAL A 83 -1.34 -7.48 -0.42
C VAL A 83 -0.75 -8.10 -1.68
N VAL A 84 -1.11 -7.55 -2.82
CA VAL A 84 -0.62 -8.05 -4.13
C VAL A 84 0.65 -7.28 -4.46
N TYR A 85 1.62 -7.95 -5.06
CA TYR A 85 2.85 -7.34 -5.59
C TYR A 85 3.17 -8.03 -6.91
N ILE A 86 3.74 -7.31 -7.86
CA ILE A 86 4.09 -7.88 -9.19
CA ILE A 86 4.08 -7.93 -9.18
C ILE A 86 5.57 -8.33 -9.17
N ASN A 87 5.81 -9.60 -9.43
CA ASN A 87 7.19 -10.13 -9.64
C ASN A 87 7.80 -9.39 -10.84
N THR A 88 9.12 -9.40 -10.95
CA THR A 88 9.84 -8.72 -12.07
C THR A 88 9.60 -9.48 -13.39
N ASP A 89 9.01 -10.68 -13.36
CA ASP A 89 8.57 -11.40 -14.57
C ASP A 89 7.07 -11.16 -14.86
N GLY A 90 6.41 -10.23 -14.16
CA GLY A 90 5.00 -9.86 -14.43
C GLY A 90 3.98 -10.73 -13.71
N ARG A 91 4.40 -11.79 -13.02
CA ARG A 91 3.45 -12.67 -12.28
C ARG A 91 3.03 -11.99 -10.98
N LEU A 92 1.72 -11.82 -10.79
CA LEU A 92 1.16 -11.31 -9.52
C LEU A 92 1.43 -12.35 -8.43
N GLU A 93 1.64 -11.87 -7.21
CA GLU A 93 1.77 -12.73 -6.03
C GLU A 93 1.05 -12.02 -4.88
N VAL A 94 0.21 -12.74 -4.16
CA VAL A 94 -0.61 -12.15 -3.06
C VAL A 94 -0.12 -12.74 -1.75
N PHE A 95 0.06 -11.87 -0.77
CA PHE A 95 0.58 -12.22 0.57
C PHE A 95 -0.49 -11.86 1.59
N ALA A 96 -0.69 -12.75 2.56
CA ALA A 96 -1.67 -12.56 3.63
C ALA A 96 -1.30 -13.42 4.84
N ARG A 97 -1.66 -12.95 6.03
CA ARG A 97 -1.58 -13.79 7.23
C ARG A 97 -2.70 -14.84 7.20
N GLY A 98 -2.40 -16.07 7.60
CA GLY A 98 -3.36 -17.18 7.71
C GLY A 98 -4.00 -17.21 9.10
N THR A 99 -4.94 -18.13 9.31
CA THR A 99 -5.62 -18.30 10.61
C THR A 99 -4.64 -18.90 11.61
N ASP A 100 -3.51 -19.45 11.14
CA ASP A 100 -2.43 -19.98 12.02
C ASP A 100 -1.39 -18.89 12.33
N ASN A 101 -1.62 -17.65 11.87
CA ASN A 101 -0.72 -16.47 12.02
C ASN A 101 0.58 -16.64 11.23
N ALA A 102 0.67 -17.65 10.36
CA ALA A 102 1.80 -17.78 9.41
C ALA A 102 1.58 -16.81 8.25
N LEU A 103 2.67 -16.48 7.56
CA LEU A 103 2.61 -15.79 6.25
C LEU A 103 2.26 -16.84 5.20
N TRP A 104 1.18 -16.62 4.48
CA TRP A 104 0.76 -17.43 3.31
C TRP A 104 0.91 -16.58 2.04
N HIS A 105 0.96 -17.25 0.90
CA HIS A 105 0.98 -16.55 -0.41
C HIS A 105 0.37 -17.44 -1.47
N ILE A 106 -0.01 -16.81 -2.56
CA ILE A 106 -0.53 -17.46 -3.79
C ILE A 106 0.03 -16.64 -4.94
N TRP A 107 0.39 -17.30 -6.03
CA TRP A 107 1.05 -16.61 -7.16
C TRP A 107 0.45 -17.08 -8.47
N GLN A 108 0.49 -16.21 -9.47
CA GLN A 108 0.21 -16.61 -10.87
C GLN A 108 1.30 -17.59 -11.31
N THR A 109 0.92 -18.69 -11.95
CA THR A 109 1.88 -19.70 -12.45
C THR A 109 2.50 -19.20 -13.76
N ALA A 110 1.82 -18.27 -14.42
CA ALA A 110 2.31 -17.58 -15.64
C ALA A 110 1.69 -16.20 -15.68
N THR A 111 2.39 -15.26 -16.30
CA THR A 111 1.99 -13.84 -16.34
C THR A 111 0.51 -13.73 -16.77
N ASN A 112 -0.30 -12.99 -16.01
CA ASN A 112 -1.75 -12.79 -16.22
C ASN A 112 -2.42 -14.10 -16.69
N ALA A 113 -2.05 -15.25 -16.10
CA ALA A 113 -2.74 -16.55 -16.30
C ALA A 113 -3.30 -17.03 -14.94
N GLY A 114 -3.22 -18.33 -14.67
CA GLY A 114 -3.87 -18.98 -13.52
C GLY A 114 -3.04 -18.87 -12.26
N TRP A 115 -3.61 -19.31 -11.14
CA TRP A 115 -3.00 -19.14 -9.79
C TRP A 115 -2.61 -20.51 -9.22
N SER A 116 -1.56 -20.50 -8.40
CA SER A 116 -1.13 -21.61 -7.53
C SER A 116 -2.22 -21.85 -6.49
N ASN A 117 -2.04 -22.86 -5.66
CA ASN A 117 -2.78 -22.97 -4.37
C ASN A 117 -2.08 -22.08 -3.35
N TRP A 118 -2.79 -21.73 -2.29
CA TRP A 118 -2.20 -21.04 -1.11
C TRP A 118 -1.13 -21.97 -0.52
N GLN A 119 0.05 -21.41 -0.24
CA GLN A 119 1.16 -22.16 0.41
CA GLN A 119 1.19 -22.13 0.38
C GLN A 119 1.70 -21.32 1.58
N SER A 120 2.17 -21.98 2.62
CA SER A 120 2.65 -21.30 3.85
C SER A 120 4.15 -21.01 3.74
N LEU A 121 4.56 -19.80 4.11
CA LEU A 121 5.98 -19.42 4.32
C LEU A 121 6.28 -19.44 5.82
N GLY A 122 5.37 -19.98 6.62
CA GLY A 122 5.61 -20.19 8.07
C GLY A 122 5.72 -18.87 8.82
N GLY A 123 6.47 -18.89 9.91
CA GLY A 123 6.58 -17.75 10.83
C GLY A 123 5.32 -17.52 11.64
N VAL A 124 5.38 -16.53 12.50
CA VAL A 124 4.22 -15.94 13.22
C VAL A 124 4.32 -14.43 13.03
N ILE A 125 3.30 -13.84 12.42
CA ILE A 125 3.30 -12.39 12.13
C ILE A 125 2.05 -11.78 12.75
N THR A 126 2.14 -10.50 13.04
CA THR A 126 1.15 -9.71 13.81
C THR A 126 0.91 -8.38 13.10
N SER A 127 1.20 -8.32 11.80
CA SER A 127 0.80 -7.18 10.93
C SER A 127 0.42 -7.71 9.55
N ASN A 128 -0.14 -6.81 8.75
CA ASN A 128 -0.21 -6.99 7.28
C ASN A 128 1.23 -7.13 6.78
N PRO A 129 1.46 -7.95 5.73
CA PRO A 129 2.78 -8.05 5.11
C PRO A 129 3.03 -6.82 4.21
N ALA A 130 4.30 -6.43 4.10
CA ALA A 130 4.77 -5.32 3.24
C ALA A 130 5.84 -5.91 2.30
N ILE A 131 5.72 -5.65 1.01
CA ILE A 131 6.52 -6.36 -0.02
C ILE A 131 7.21 -5.35 -0.93
N TYR A 132 8.45 -5.65 -1.30
CA TYR A 132 9.13 -4.95 -2.41
C TYR A 132 10.09 -5.89 -3.12
N ALA A 133 10.37 -5.61 -4.39
CA ALA A 133 11.39 -6.31 -5.17
C ALA A 133 12.72 -5.63 -4.92
N ASN A 134 13.72 -6.41 -4.55
CA ASN A 134 15.14 -5.97 -4.59
C ASN A 134 15.54 -5.71 -6.05
N THR A 135 16.66 -5.01 -6.25
CA THR A 135 17.19 -4.66 -7.59
C THR A 135 17.51 -5.95 -8.35
N ASP A 136 17.71 -7.06 -7.64
CA ASP A 136 18.09 -8.37 -8.22
C ASP A 136 16.84 -9.22 -8.49
N GLY A 137 15.64 -8.64 -8.40
CA GLY A 137 14.38 -9.33 -8.71
C GLY A 137 13.86 -10.20 -7.57
N ARG A 138 14.54 -10.25 -6.42
CA ARG A 138 14.07 -11.09 -5.28
C ARG A 138 13.04 -10.30 -4.47
N LEU A 139 11.79 -10.79 -4.38
CA LEU A 139 10.79 -10.20 -3.48
C LEU A 139 11.26 -10.35 -2.03
N GLU A 140 11.03 -9.31 -1.24
CA GLU A 140 11.35 -9.37 0.21
C GLU A 140 10.11 -8.89 0.96
N VAL A 141 9.70 -9.68 1.94
CA VAL A 141 8.44 -9.47 2.70
C VAL A 141 8.83 -9.10 4.12
N PHE A 142 8.15 -8.10 4.66
CA PHE A 142 8.35 -7.56 6.02
C PHE A 142 7.02 -7.66 6.77
N ALA A 143 7.06 -8.02 8.03
CA ALA A 143 5.86 -8.09 8.88
C ALA A 143 6.29 -7.99 10.34
N ARG A 144 5.44 -7.40 11.18
CA ARG A 144 5.63 -7.46 12.65
C ARG A 144 5.56 -8.91 13.10
N GLY A 145 6.31 -9.24 14.15
CA GLY A 145 6.34 -10.57 14.78
C GLY A 145 5.65 -10.57 16.14
N ALA A 146 5.62 -11.76 16.76
CA ALA A 146 5.02 -12.00 18.09
C ALA A 146 5.76 -11.18 19.15
N ASP A 147 7.05 -10.89 18.92
CA ASP A 147 7.88 -10.05 19.81
C ASP A 147 7.68 -8.55 19.52
N ASN A 148 6.79 -8.18 18.60
CA ASN A 148 6.52 -6.79 18.15
C ASN A 148 7.70 -6.15 17.40
N ALA A 149 8.71 -6.93 17.05
CA ALA A 149 9.83 -6.52 16.17
C ALA A 149 9.44 -6.69 14.70
N LEU A 150 10.26 -6.15 13.79
CA LEU A 150 10.07 -6.33 12.34
C LEU A 150 10.82 -7.60 11.93
N TRP A 151 10.16 -8.46 11.16
CA TRP A 151 10.79 -9.68 10.63
C TRP A 151 10.74 -9.62 9.11
N HIS A 152 11.59 -10.42 8.45
CA HIS A 152 11.65 -10.42 6.98
C HIS A 152 12.11 -11.77 6.45
N ILE A 153 11.70 -12.01 5.21
CA ILE A 153 11.97 -13.25 4.45
C ILE A 153 12.01 -12.85 2.97
N SER A 154 12.79 -13.54 2.17
CA SER A 154 12.96 -13.17 0.74
C SER A 154 12.98 -14.41 -0.15
N GLN A 155 12.61 -14.22 -1.42
CA GLN A 155 12.97 -15.17 -2.49
C GLN A 155 14.50 -15.29 -2.49
N THR A 156 15.03 -16.49 -2.72
CA THR A 156 16.50 -16.70 -2.74
C THR A 156 17.06 -16.39 -4.14
N THR A 157 16.24 -16.43 -5.19
CA THR A 157 16.64 -16.02 -6.57
C THR A 157 15.46 -15.25 -7.18
N ALA A 158 15.72 -14.51 -8.24
CA ALA A 158 14.73 -13.58 -8.86
C ALA A 158 13.41 -14.31 -9.10
N HIS A 159 12.30 -13.74 -8.62
CA HIS A 159 10.90 -14.17 -8.88
C HIS A 159 10.77 -15.69 -8.72
N SER A 160 11.43 -16.27 -7.72
CA SER A 160 11.50 -17.75 -7.58
C SER A 160 11.67 -18.17 -6.13
N GLY A 161 11.15 -19.34 -5.81
CA GLY A 161 11.54 -20.07 -4.60
C GLY A 161 12.88 -20.76 -4.82
N PRO A 162 13.44 -21.38 -3.77
CA PRO A 162 12.84 -21.33 -2.45
C PRO A 162 13.05 -19.98 -1.77
N TRP A 163 12.32 -19.79 -0.68
CA TRP A 163 12.41 -18.61 0.20
C TRP A 163 13.49 -18.84 1.26
N SER A 164 14.07 -17.73 1.72
CA SER A 164 15.10 -17.68 2.78
C SER A 164 14.49 -18.13 4.10
N SER A 165 15.34 -18.31 5.12
CA SER A 165 14.87 -18.35 6.52
C SER A 165 14.33 -16.97 6.87
N TRP A 166 13.38 -16.96 7.79
CA TRP A 166 12.97 -15.76 8.54
C TRP A 166 14.13 -15.24 9.39
N ALA A 167 14.19 -13.93 9.59
CA ALA A 167 15.07 -13.25 10.57
C ALA A 167 14.41 -11.95 11.00
N SER A 168 14.92 -11.33 12.07
CA SER A 168 14.36 -10.08 12.63
C SER A 168 15.29 -8.93 12.30
N LEU A 169 14.70 -7.77 12.05
CA LEU A 169 15.39 -6.45 11.98
C LEU A 169 15.09 -5.66 13.25
N ASN A 170 14.55 -6.31 14.29
CA ASN A 170 14.40 -5.71 15.63
C ASN A 170 13.39 -4.56 15.56
N GLY A 171 13.52 -3.56 16.43
CA GLY A 171 12.55 -2.48 16.60
C GLY A 171 11.37 -2.92 17.44
N VAL A 172 10.47 -1.99 17.71
CA VAL A 172 9.19 -2.23 18.43
C VAL A 172 8.13 -1.43 17.69
N ILE A 173 7.16 -2.12 17.08
CA ILE A 173 6.31 -1.57 16.00
C ILE A 173 4.85 -1.56 16.46
N THR A 174 4.15 -0.46 16.22
CA THR A 174 2.74 -0.25 16.67
C THR A 174 1.84 0.12 15.47
N SER A 175 2.34 -0.04 14.25
CA SER A 175 1.54 0.14 13.01
C SER A 175 1.91 -0.96 12.04
N ASN A 176 1.14 -1.12 10.96
CA ASN A 176 1.58 -1.95 9.83
C ASN A 176 2.83 -1.28 9.27
N PRO A 177 3.87 -2.05 8.87
CA PRO A 177 5.03 -1.46 8.21
C PRO A 177 4.77 -1.22 6.73
N THR A 178 5.51 -0.30 6.13
CA THR A 178 5.54 -0.07 4.67
C THR A 178 6.99 -0.04 4.22
N VAL A 179 7.25 -0.68 3.08
CA VAL A 179 8.60 -0.72 2.46
C VAL A 179 8.56 0.00 1.13
N HIS A 180 9.66 0.66 0.78
CA HIS A 180 9.84 1.22 -0.57
C HIS A 180 11.29 0.98 -0.97
N ILE A 181 11.61 1.25 -2.22
CA ILE A 181 13.02 1.21 -2.67
C ILE A 181 13.49 2.64 -2.92
N ASN A 182 14.69 2.95 -2.44
CA ASN A 182 15.40 4.22 -2.74
C ASN A 182 15.83 4.22 -4.21
N SER A 183 16.15 5.41 -4.73
CA SER A 183 16.55 5.61 -6.14
C SER A 183 17.95 5.02 -6.41
N ASP A 184 18.67 4.57 -5.36
CA ASP A 184 19.96 3.85 -5.49
C ASP A 184 19.79 2.36 -5.19
N GLY A 185 18.55 1.87 -5.11
CA GLY A 185 18.26 0.42 -5.02
C GLY A 185 18.23 -0.12 -3.59
N ARG A 186 18.33 0.72 -2.56
CA ARG A 186 18.29 0.21 -1.16
C ARG A 186 16.83 0.20 -0.67
N LEU A 187 16.36 -0.92 -0.12
CA LEU A 187 15.03 -0.99 0.50
C LEU A 187 15.06 -0.17 1.79
N GLU A 188 13.93 0.44 2.13
CA GLU A 188 13.76 1.25 3.36
C GLU A 188 12.38 0.96 3.91
N VAL A 189 12.28 0.68 5.22
CA VAL A 189 11.00 0.31 5.87
C VAL A 189 10.65 1.36 6.91
N PHE A 190 9.36 1.67 6.98
CA PHE A 190 8.76 2.70 7.86
C PHE A 190 7.67 2.07 8.72
N ALA A 191 7.59 2.48 10.00
CA ALA A 191 6.57 1.94 10.91
C ALA A 191 6.47 2.89 12.10
N ARG A 192 5.29 2.97 12.72
CA ARG A 192 5.12 3.72 13.98
C ARG A 192 5.81 2.94 15.12
N GLY A 193 6.44 3.65 16.06
CA GLY A 193 7.05 3.04 17.26
C GLY A 193 6.18 3.19 18.49
N THR A 194 6.67 2.74 19.65
CA THR A 194 5.90 2.74 20.92
C THR A 194 5.69 4.18 21.41
N ASP A 195 6.52 5.14 20.97
CA ASP A 195 6.37 6.58 21.29
C ASP A 195 5.43 7.27 20.28
N ASN A 196 4.84 6.50 19.35
CA ASN A 196 3.96 6.99 18.26
C ASN A 196 4.70 7.89 17.24
N ALA A 197 6.03 7.91 17.28
CA ALA A 197 6.89 8.58 16.28
C ALA A 197 6.95 7.70 15.02
N LEU A 198 7.31 8.28 13.88
CA LEU A 198 7.68 7.48 12.67
C LEU A 198 9.13 7.04 12.80
N TRP A 199 9.39 5.74 12.70
CA TRP A 199 10.77 5.17 12.71
C TRP A 199 11.04 4.55 11.34
N HIS A 200 12.30 4.39 10.98
CA HIS A 200 12.68 3.74 9.70
C HIS A 200 14.02 3.04 9.85
N ILE A 201 14.28 2.13 8.91
CA ILE A 201 15.52 1.32 8.81
C ILE A 201 15.74 1.08 7.32
N TRP A 202 17.00 0.98 6.88
CA TRP A 202 17.30 0.84 5.42
C TRP A 202 18.41 -0.19 5.21
N GLN A 203 18.37 -0.84 4.06
CA GLN A 203 19.53 -1.59 3.54
C GLN A 203 20.69 -0.62 3.38
N THR A 204 21.91 -1.09 3.63
CA THR A 204 23.12 -0.26 3.45
C THR A 204 23.67 -0.47 2.04
N ALA A 205 23.18 -1.48 1.32
CA ALA A 205 23.58 -1.78 -0.08
C ALA A 205 22.40 -2.48 -0.72
N PRO A 206 22.16 -2.30 -2.04
CA PRO A 206 21.10 -3.05 -2.71
C PRO A 206 21.24 -4.57 -2.52
N ASP A 207 20.11 -5.27 -2.38
CA ASP A 207 19.99 -6.75 -2.40
C ASP A 207 20.56 -7.37 -1.12
N SER A 208 20.95 -6.53 -0.17
CA SER A 208 21.79 -6.90 1.00
C SER A 208 20.95 -7.50 2.13
N ASN A 209 21.59 -8.27 3.01
CA ASN A 209 21.08 -8.53 4.40
C ASN A 209 21.82 -7.62 5.39
N LEU A 210 22.42 -6.53 4.95
CA LEU A 210 23.06 -5.54 5.85
C LEU A 210 22.10 -4.37 6.01
N TRP A 211 21.59 -4.12 7.21
CA TRP A 211 20.65 -3.00 7.49
C TRP A 211 21.26 -2.02 8.49
N SER A 212 20.81 -0.77 8.42
CA SER A 212 21.06 0.28 9.43
C SER A 212 20.41 -0.12 10.76
N SER A 213 20.70 0.66 11.78
CA SER A 213 19.89 0.74 13.02
C SER A 213 18.58 1.43 12.69
N TRP A 214 17.56 1.17 13.51
CA TRP A 214 16.30 1.94 13.52
C TRP A 214 16.63 3.38 13.89
N GLU A 215 16.06 4.34 13.17
CA GLU A 215 16.18 5.79 13.50
C GLU A 215 14.80 6.41 13.53
N SER A 216 14.61 7.39 14.42
CA SER A 216 13.33 8.10 14.58
C SER A 216 13.28 9.31 13.65
N LEU A 217 12.16 9.46 12.95
CA LEU A 217 11.83 10.69 12.21
C LEU A 217 10.85 11.51 13.03
N ASN A 218 10.69 11.19 14.31
CA ASN A 218 9.87 11.98 15.26
C ASN A 218 8.43 12.08 14.77
N GLY A 219 7.75 13.17 15.12
CA GLY A 219 6.30 13.34 14.91
C GLY A 219 5.48 12.44 15.82
N ILE A 220 4.17 12.61 15.74
CA ILE A 220 3.12 11.77 16.40
C ILE A 220 2.15 11.38 15.29
N ILE A 221 2.04 10.10 14.97
CA ILE A 221 1.15 9.68 13.86
C ILE A 221 0.08 8.75 14.40
N THR A 222 -1.10 8.88 13.81
CA THR A 222 -2.37 8.22 14.22
C THR A 222 -2.95 7.48 13.02
N SER A 223 -2.12 7.21 12.00
CA SER A 223 -2.45 6.26 10.91
C SER A 223 -1.21 5.44 10.58
N ASP A 224 -1.40 4.33 9.88
CA ASP A 224 -0.30 3.70 9.12
C ASP A 224 0.38 4.77 8.27
N PRO A 225 1.72 4.68 8.09
CA PRO A 225 2.42 5.55 7.16
C PRO A 225 2.24 5.02 5.74
N VAL A 226 2.22 5.91 4.76
CA VAL A 226 2.31 5.52 3.33
C VAL A 226 3.54 6.21 2.76
N VAL A 227 4.23 5.52 1.85
CA VAL A 227 5.51 6.03 1.31
C VAL A 227 5.44 5.92 -0.22
N ILE A 228 6.02 6.89 -0.88
CA ILE A 228 6.08 6.94 -2.37
C ILE A 228 7.41 7.59 -2.74
N ASP A 229 7.88 7.31 -3.96
CA ASP A 229 9.09 7.96 -4.54
C ASP A 229 8.62 9.14 -5.39
N THR A 230 9.26 10.29 -5.22
CA THR A 230 9.00 11.50 -6.02
C THR A 230 9.62 11.29 -7.41
N ALA A 231 9.23 12.12 -8.36
CA ALA A 231 9.81 12.12 -9.72
C ALA A 231 11.34 12.19 -9.63
N ASP A 232 11.85 12.87 -8.62
CA ASP A 232 13.31 13.15 -8.49
C ASP A 232 13.96 12.24 -7.45
N GLY A 233 13.35 11.11 -7.14
CA GLY A 233 14.02 9.99 -6.45
C GLY A 233 14.16 10.21 -4.94
N ARG A 234 13.25 10.98 -4.35
CA ARG A 234 13.18 11.17 -2.88
C ARG A 234 12.03 10.33 -2.34
N LEU A 235 12.24 9.62 -1.23
CA LEU A 235 11.13 8.99 -0.49
C LEU A 235 10.36 10.11 0.23
N GLU A 236 9.04 10.01 0.20
CA GLU A 236 8.12 10.95 0.89
C GLU A 236 7.08 10.11 1.62
N VAL A 237 6.89 10.38 2.92
CA VAL A 237 6.00 9.59 3.79
C VAL A 237 4.83 10.49 4.19
N PHE A 238 3.63 9.95 4.15
CA PHE A 238 2.37 10.62 4.57
C PHE A 238 1.77 9.84 5.74
N ALA A 239 1.19 10.54 6.70
CA ALA A 239 0.50 9.90 7.83
C ALA A 239 -0.47 10.89 8.45
N ARG A 240 -1.54 10.41 9.06
CA ARG A 240 -2.40 11.29 9.90
C ARG A 240 -1.63 11.68 11.16
N GLY A 241 -1.78 12.93 11.60
CA GLY A 241 -1.15 13.46 12.83
C GLY A 241 -2.07 13.39 14.04
N ALA A 242 -1.54 13.78 15.20
CA ALA A 242 -2.30 13.83 16.48
C ALA A 242 -3.48 14.80 16.36
N ASP A 243 -3.41 15.78 15.47
CA ASP A 243 -4.48 16.80 15.22
C ASP A 243 -5.43 16.35 14.10
N ASN A 244 -5.29 15.11 13.62
CA ASN A 244 -6.12 14.48 12.54
C ASN A 244 -5.97 15.25 11.21
N ALA A 245 -4.94 16.09 11.07
CA ALA A 245 -4.49 16.64 9.78
C ALA A 245 -3.64 15.60 9.03
N LEU A 246 -3.44 15.80 7.73
CA LEU A 246 -2.47 15.01 6.92
C LEU A 246 -1.09 15.66 7.05
N TRP A 247 -0.10 14.90 7.50
CA TRP A 247 1.31 15.36 7.57
C TRP A 247 2.16 14.57 6.57
N HIS A 248 3.26 15.16 6.13
CA HIS A 248 4.26 14.46 5.30
C HIS A 248 5.67 14.93 5.67
N ILE A 249 6.65 14.15 5.23
CA ILE A 249 8.10 14.33 5.52
C ILE A 249 8.82 13.66 4.35
N TRP A 250 9.95 14.20 3.92
CA TRP A 250 10.64 13.69 2.70
C TRP A 250 12.15 13.75 2.87
N GLN A 251 12.84 12.85 2.20
CA GLN A 251 14.29 12.95 1.94
C GLN A 251 14.55 14.28 1.24
N THR A 252 15.52 15.05 1.72
CA THR A 252 15.79 16.41 1.17
C THR A 252 16.51 16.28 -0.16
N ILE A 253 17.29 15.20 -0.35
CA ILE A 253 17.96 14.92 -1.66
C ILE A 253 17.80 13.43 -1.95
N SER A 254 17.91 13.09 -3.24
CA SER A 254 17.71 11.71 -3.76
C SER A 254 18.43 10.68 -2.85
N HIS A 255 17.68 9.70 -2.36
CA HIS A 255 18.14 8.50 -1.61
C HIS A 255 19.04 8.88 -0.43
N SER A 256 18.78 10.01 0.21
CA SER A 256 19.71 10.54 1.24
C SER A 256 18.96 11.30 2.34
N GLY A 257 19.55 11.30 3.54
CA GLY A 257 19.20 12.26 4.59
C GLY A 257 19.87 13.60 4.30
N PRO A 258 19.57 14.68 5.06
CA PRO A 258 18.58 14.61 6.13
C PRO A 258 17.17 14.61 5.53
N TRP A 259 16.19 14.26 6.35
CA TRP A 259 14.75 14.43 6.02
C TRP A 259 14.32 15.87 6.34
N SER A 260 13.17 16.27 5.81
CA SER A 260 12.67 17.66 5.74
C SER A 260 12.18 18.16 7.10
N GLY A 261 11.93 17.26 8.05
CA GLY A 261 11.04 17.57 9.17
C GLY A 261 9.58 17.58 8.72
N TRP A 262 8.68 17.29 9.65
CA TRP A 262 7.22 17.10 9.40
C TRP A 262 6.59 18.41 8.96
N GLN A 263 5.79 18.37 7.89
CA GLN A 263 5.01 19.54 7.41
C GLN A 263 3.54 19.14 7.29
N SER A 264 2.64 20.03 7.71
CA SER A 264 1.18 19.75 7.64
C SER A 264 0.64 20.08 6.24
N LEU A 265 -0.22 19.21 5.71
CA LEU A 265 -1.05 19.50 4.52
C LEU A 265 -2.48 19.82 4.97
N ASN A 266 -2.67 20.00 6.29
CA ASN A 266 -3.98 20.43 6.86
C ASN A 266 -5.01 19.33 6.59
N GLY A 267 -6.28 19.72 6.47
CA GLY A 267 -7.43 18.79 6.43
C GLY A 267 -7.75 18.22 7.79
N VAL A 268 -8.91 17.57 7.88
CA VAL A 268 -9.33 16.76 9.05
C VAL A 268 -9.77 15.41 8.49
N ILE A 269 -8.99 14.36 8.71
CA ILE A 269 -9.22 13.06 8.04
C ILE A 269 -9.60 12.00 9.06
N THR A 270 -10.49 11.11 8.66
CA THR A 270 -11.14 10.08 9.49
C THR A 270 -10.79 8.69 8.94
N SER A 271 -9.78 8.63 8.06
CA SER A 271 -9.18 7.36 7.57
C SER A 271 -7.67 7.55 7.39
N ALA A 272 -6.95 6.44 7.19
CA ALA A 272 -5.60 6.48 6.61
C ALA A 272 -5.66 7.28 5.32
N PRO A 273 -4.55 7.96 4.94
CA PRO A 273 -4.41 8.57 3.62
C PRO A 273 -3.93 7.53 2.60
N ALA A 274 -4.24 7.75 1.33
CA ALA A 274 -3.65 7.05 0.18
C ALA A 274 -2.98 8.11 -0.69
N VAL A 275 -1.90 7.71 -1.38
N VAL A 275 -1.86 7.75 -1.34
CA VAL A 275 -1.08 8.62 -2.22
CA VAL A 275 -1.17 8.70 -2.25
C VAL A 275 -0.86 7.94 -3.58
C VAL A 275 -0.81 7.98 -3.55
N ALA A 276 -0.86 8.72 -4.66
CA ALA A 276 -0.53 8.21 -6.01
C ALA A 276 0.12 9.34 -6.80
N LYS A 277 0.77 8.99 -7.89
CA LYS A 277 1.41 9.96 -8.80
C LYS A 277 0.56 10.10 -10.05
N ASN A 278 0.25 11.34 -10.41
CA ASN A 278 -0.35 11.70 -11.72
C ASN A 278 0.68 11.34 -12.80
N CYS A 279 0.28 11.31 -14.07
CA CYS A 279 1.21 10.85 -15.12
C CYS A 279 2.27 11.92 -15.39
N ASP A 280 2.05 13.17 -14.95
CA ASP A 280 3.12 14.22 -14.90
C ASP A 280 3.88 14.19 -13.55
N ASN A 281 3.70 13.13 -12.76
CA ASN A 281 4.43 12.83 -11.50
C ASN A 281 3.98 13.73 -10.33
N ARG A 282 2.96 14.58 -10.51
CA ARG A 282 2.38 15.34 -9.37
C ARG A 282 1.80 14.35 -8.36
N LEU A 283 2.26 14.43 -7.11
CA LEU A 283 1.71 13.62 -5.99
C LEU A 283 0.29 14.10 -5.67
N GLU A 284 -0.59 13.16 -5.35
CA GLU A 284 -1.99 13.48 -4.98
C GLU A 284 -2.38 12.60 -3.81
N ALA A 285 -2.91 13.20 -2.74
CA ALA A 285 -3.28 12.50 -1.50
C ALA A 285 -4.82 12.49 -1.39
N PHE A 286 -5.35 11.37 -0.90
CA PHE A 286 -6.79 11.04 -0.74
C PHE A 286 -7.03 10.55 0.69
N ALA A 287 -8.16 10.93 1.28
CA ALA A 287 -8.56 10.47 2.61
C ALA A 287 -10.04 10.74 2.84
N ARG A 288 -10.64 9.99 3.75
CA ARG A 288 -12.04 10.26 4.17
C ARG A 288 -12.03 11.51 5.05
N GLY A 289 -13.02 12.38 4.84
CA GLY A 289 -13.26 13.57 5.70
C GLY A 289 -14.28 13.28 6.79
N THR A 290 -14.58 14.31 7.59
CA THR A 290 -15.53 14.26 8.73
C THR A 290 -16.94 14.02 8.20
N ASP A 291 -17.25 14.47 6.98
CA ASP A 291 -18.58 14.25 6.33
C ASP A 291 -18.64 12.86 5.67
N ASN A 292 -17.60 12.03 5.86
CA ASN A 292 -17.45 10.65 5.32
C ASN A 292 -17.41 10.65 3.79
N ALA A 293 -17.16 11.80 3.17
CA ALA A 293 -16.91 11.91 1.72
C ALA A 293 -15.42 11.67 1.50
N LEU A 294 -15.05 11.35 0.26
CA LEU A 294 -13.64 11.33 -0.20
C LEU A 294 -13.16 12.76 -0.39
N TRP A 295 -12.01 13.10 0.20
CA TRP A 295 -11.34 14.40 -0.02
C TRP A 295 -9.96 14.15 -0.64
N HIS A 296 -9.45 15.13 -1.39
CA HIS A 296 -8.09 15.02 -1.97
C HIS A 296 -7.42 16.39 -2.00
N THR A 297 -6.09 16.35 -2.02
CA THR A 297 -5.19 17.52 -2.16
C THR A 297 -4.06 17.05 -3.10
N TRP A 298 -3.55 17.93 -3.95
CA TRP A 298 -2.55 17.56 -4.98
C TRP A 298 -1.49 18.65 -5.11
N GLN A 299 -0.28 18.24 -5.49
CA GLN A 299 0.74 19.18 -6.00
C GLN A 299 0.14 19.87 -7.24
N THR A 300 0.29 21.19 -7.34
CA THR A 300 -0.24 22.00 -8.46
C THR A 300 0.90 22.29 -9.44
N VAL A 301 0.57 22.35 -10.74
CA VAL A 301 1.42 22.91 -11.83
C VAL A 301 2.44 21.86 -12.27
N SER A 302 3.34 21.46 -11.36
CA SER A 302 4.43 20.50 -11.64
C SER A 302 4.69 19.63 -10.42
N HIS A 303 5.37 18.50 -10.61
CA HIS A 303 5.78 17.65 -9.48
C HIS A 303 6.56 18.54 -8.51
N SER A 304 6.42 18.28 -7.21
CA SER A 304 7.06 19.05 -6.12
C SER A 304 6.57 20.50 -6.05
N GLY A 305 5.51 20.86 -6.80
CA GLY A 305 4.86 22.20 -6.76
C GLY A 305 4.00 22.37 -5.50
N PRO A 306 3.48 23.58 -5.22
CA PRO A 306 2.70 23.80 -4.00
C PRO A 306 1.43 22.93 -3.98
N TRP A 307 1.03 22.49 -2.79
CA TRP A 307 -0.19 21.66 -2.63
C TRP A 307 -1.44 22.53 -2.69
N SER A 308 -2.48 21.99 -3.31
CA SER A 308 -3.82 22.59 -3.50
C SER A 308 -4.55 22.66 -2.16
N SER A 309 -5.68 23.38 -2.15
CA SER A 309 -6.73 23.24 -1.12
C SER A 309 -7.28 21.82 -1.18
N TRP A 310 -7.80 21.31 -0.06
CA TRP A 310 -8.57 20.03 0.01
C TRP A 310 -9.91 20.24 -0.71
N GLN A 311 -10.27 19.35 -1.63
CA GLN A 311 -11.54 19.40 -2.39
C GLN A 311 -12.27 18.07 -2.21
N SER A 312 -13.60 18.07 -2.34
CA SER A 312 -14.44 16.86 -2.15
C SER A 312 -14.67 16.17 -3.49
N LEU A 313 -14.63 14.84 -3.47
CA LEU A 313 -15.02 13.93 -4.58
C LEU A 313 -16.29 13.21 -4.18
N ASN A 314 -16.95 13.69 -3.12
CA ASN A 314 -18.27 13.20 -2.66
C ASN A 314 -18.16 11.74 -2.24
N GLY A 315 -19.24 10.99 -2.45
CA GLY A 315 -19.40 9.61 -1.96
C GLY A 315 -19.68 9.57 -0.47
N VAL A 316 -20.05 8.40 0.03
CA VAL A 316 -20.14 8.11 1.48
C VAL A 316 -19.38 6.81 1.70
N ILE A 317 -18.21 6.88 2.34
CA ILE A 317 -17.25 5.74 2.32
C ILE A 317 -16.99 5.26 3.75
N THR A 318 -16.72 3.97 3.85
CA THR A 318 -16.60 3.18 5.11
C THR A 318 -15.24 2.48 5.14
N SER A 319 -14.26 3.08 4.46
CA SER A 319 -12.86 2.62 4.41
C SER A 319 -11.98 3.81 4.03
N ALA A 320 -10.67 3.71 4.23
CA ALA A 320 -9.71 4.61 3.54
C ALA A 320 -9.87 4.38 2.03
N PRO A 321 -9.60 5.41 1.21
CA PRO A 321 -9.56 5.24 -0.24
C PRO A 321 -8.27 4.52 -0.67
N THR A 322 -8.28 3.90 -1.84
CA THR A 322 -7.10 3.25 -2.47
C THR A 322 -6.93 3.90 -3.84
N ALA A 323 -5.76 4.49 -4.13
CA ALA A 323 -5.53 5.31 -5.32
C ALA A 323 -4.50 4.61 -6.22
N VAL A 324 -4.72 4.61 -7.53
CA VAL A 324 -3.76 3.98 -8.50
C VAL A 324 -3.85 4.72 -9.82
N ARG A 325 -2.72 4.80 -10.54
CA ARG A 325 -2.70 5.37 -11.89
C ARG A 325 -2.92 4.25 -12.90
N ASP A 326 -3.91 4.40 -13.79
CA ASP A 326 -4.25 3.36 -14.79
C ASP A 326 -3.38 3.55 -16.03
N ALA A 327 -3.61 2.73 -17.06
CA ALA A 327 -2.82 2.66 -18.31
C ALA A 327 -3.12 3.85 -19.22
N ASP A 328 -4.13 4.67 -18.92
CA ASP A 328 -4.38 5.95 -19.63
C ASP A 328 -3.74 7.10 -18.86
N GLY A 329 -3.02 6.80 -17.78
CA GLY A 329 -2.32 7.82 -16.96
C GLY A 329 -3.29 8.59 -16.09
N ARG A 330 -4.47 8.04 -15.85
CA ARG A 330 -5.50 8.67 -14.97
C ARG A 330 -5.50 7.99 -13.60
N LEU A 331 -5.73 8.78 -12.56
CA LEU A 331 -5.95 8.23 -11.21
C LEU A 331 -7.38 7.67 -11.12
N GLU A 332 -7.48 6.51 -10.49
CA GLU A 332 -8.74 5.82 -10.16
C GLU A 332 -8.70 5.60 -8.64
N VAL A 333 -9.81 5.84 -7.96
CA VAL A 333 -9.86 5.68 -6.49
C VAL A 333 -11.02 4.74 -6.13
N PHE A 334 -10.70 3.77 -5.29
CA PHE A 334 -11.63 2.74 -4.76
C PHE A 334 -11.86 3.02 -3.29
N ALA A 335 -13.09 2.79 -2.82
CA ALA A 335 -13.42 2.87 -1.39
C ALA A 335 -14.68 2.04 -1.12
N ARG A 336 -14.78 1.48 0.08
CA ARG A 336 -16.01 0.76 0.48
C ARG A 336 -17.13 1.79 0.68
N GLY A 337 -18.36 1.41 0.32
CA GLY A 337 -19.56 2.23 0.53
C GLY A 337 -20.36 1.74 1.73
N THR A 338 -21.48 2.40 2.02
CA THR A 338 -22.32 2.09 3.20
C THR A 338 -22.88 0.67 3.06
N ASP A 339 -23.06 0.21 1.81
CA ASP A 339 -23.58 -1.14 1.45
C ASP A 339 -22.47 -2.20 1.51
N ASN A 340 -21.24 -1.81 1.84
CA ASN A 340 -20.02 -2.67 1.91
C ASN A 340 -19.57 -3.14 0.52
N ALA A 341 -20.14 -2.58 -0.54
CA ALA A 341 -19.65 -2.78 -1.91
C ALA A 341 -18.40 -1.92 -2.11
N LEU A 342 -17.58 -2.28 -3.09
CA LEU A 342 -16.45 -1.41 -3.48
C LEU A 342 -16.95 -0.45 -4.56
N TRP A 343 -16.76 0.84 -4.36
CA TRP A 343 -17.13 1.89 -5.34
C TRP A 343 -15.86 2.51 -5.93
N LEU A 344 -16.02 3.14 -7.09
CA LEU A 344 -14.92 3.62 -7.96
C LEU A 344 -15.27 4.96 -8.59
N THR A 345 -14.33 5.90 -8.55
CA THR A 345 -14.37 7.21 -9.23
C THR A 345 -12.98 7.45 -9.84
N TRP A 346 -12.92 8.13 -10.98
CA TRP A 346 -11.65 8.36 -11.72
C TRP A 346 -11.60 9.78 -12.30
N GLN A 347 -10.39 10.22 -12.63
CA GLN A 347 -10.15 11.51 -13.31
C GLN A 347 -10.75 11.47 -14.72
N THR A 348 -11.34 12.60 -15.13
CA THR A 348 -11.80 12.90 -16.49
C THR A 348 -11.07 14.17 -16.94
N ALA A 349 -11.23 14.59 -18.20
CA ALA A 349 -10.58 15.79 -18.75
C ALA A 349 -10.86 16.98 -17.81
N SER A 350 -12.11 17.12 -17.39
CA SER A 350 -12.70 18.29 -16.70
C SER A 350 -12.60 18.15 -15.17
N SER A 351 -12.90 16.96 -14.63
CA SER A 351 -12.94 16.72 -13.16
C SER A 351 -12.83 15.22 -12.84
N TRP A 352 -13.81 14.65 -12.13
CA TRP A 352 -13.84 13.22 -11.73
C TRP A 352 -15.20 12.63 -12.10
N SER A 353 -15.24 11.33 -12.37
CA SER A 353 -16.48 10.60 -12.75
C SER A 353 -17.39 10.48 -11.53
N PRO A 354 -18.71 10.30 -11.72
CA PRO A 354 -19.59 9.92 -10.61
C PRO A 354 -19.16 8.55 -10.08
N TRP A 355 -19.30 8.32 -8.77
CA TRP A 355 -19.03 6.98 -8.19
C TRP A 355 -19.91 5.93 -8.88
N ILE A 356 -19.31 4.81 -9.28
CA ILE A 356 -20.03 3.57 -9.73
C ILE A 356 -19.65 2.44 -8.76
N SER A 357 -20.55 1.49 -8.56
CA SER A 357 -20.33 0.30 -7.69
C SER A 357 -19.74 -0.85 -8.50
N LEU A 358 -18.73 -1.53 -7.95
CA LEU A 358 -18.18 -2.81 -8.48
C LEU A 358 -18.78 -3.97 -7.69
N GLY A 359 -19.74 -3.66 -6.83
CA GLY A 359 -20.43 -4.63 -5.95
C GLY A 359 -19.47 -5.29 -4.99
N GLY A 360 -19.79 -6.53 -4.62
CA GLY A 360 -19.10 -7.32 -3.58
C GLY A 360 -19.52 -6.91 -2.19
N VAL A 361 -19.05 -7.65 -1.20
CA VAL A 361 -19.25 -7.37 0.25
C VAL A 361 -17.89 -7.53 0.93
N LEU A 362 -17.20 -6.42 1.20
CA LEU A 362 -15.79 -6.43 1.65
C LEU A 362 -15.73 -6.12 3.14
N ILE A 363 -14.83 -6.80 3.84
CA ILE A 363 -14.52 -6.53 5.29
C ILE A 363 -13.13 -5.91 5.39
N ASP A 364 -12.87 -5.18 6.47
CA ASP A 364 -11.52 -4.72 6.85
C ASP A 364 -10.89 -5.86 7.65
N ALA A 365 -9.95 -6.59 7.03
CA ALA A 365 -9.26 -7.74 7.66
C ALA A 365 -7.89 -7.32 8.22
N SER A 366 -7.56 -6.02 8.24
CA SER A 366 -6.25 -5.50 8.72
C SER A 366 -5.85 -6.22 10.01
N ALA A 367 -4.63 -6.76 10.08
CA ALA A 367 -4.11 -7.43 11.28
C ALA A 367 -3.87 -6.40 12.41
N ILE A 368 -3.76 -5.10 12.08
CA ILE A 368 -3.66 -3.99 13.06
C ILE A 368 -4.77 -2.98 12.77
N LYS A 369 -5.56 -2.62 13.79
CA LYS A 369 -6.69 -1.67 13.67
C LYS A 369 -6.63 -0.63 14.78
C1 EDO B . -4.78 -19.47 4.34
O1 EDO B . -4.96 -18.45 3.36
C2 EDO B . -4.56 -20.84 3.76
O2 EDO B . -5.73 -21.55 3.36
C2 BGC C . 7.63 -19.19 -4.96
C3 BGC C . 6.97 -17.92 -5.43
C4 BGC C . 7.33 -17.75 -6.89
C5 BGC C . 6.98 -19.03 -7.68
C6 BGC C . 7.41 -19.18 -9.12
C1 BGC C . 7.25 -20.40 -5.77
O1 BGC C . 8.02 -21.50 -5.30
O2 BGC C . 7.24 -19.45 -3.64
O3 BGC C . 7.34 -16.81 -4.61
O4 BGC C . 6.65 -16.59 -7.37
O5 BGC C . 7.60 -20.17 -7.10
O6 BGC C . 8.82 -18.91 -9.35
C1 EDO D . 12.86 1.72 17.85
O1 EDO D . 13.63 0.73 18.49
C2 EDO D . 11.43 1.34 17.61
O2 EDO D . 11.16 0.88 16.28
C2 BGC E . 18.33 8.56 5.67
C3 BGC E . 17.75 7.38 4.88
C4 BGC E . 18.69 7.04 3.72
C5 BGC E . 20.08 6.79 4.28
C6 BGC E . 21.18 6.66 3.27
C1 BGC E . 19.71 8.25 6.18
O1 BGC E . 20.26 9.41 6.81
O2 BGC E . 17.51 8.90 6.77
O3 BGC E . 16.43 7.66 4.42
O4 BGC E . 18.20 5.87 3.04
O5 BGC E . 20.53 7.87 5.09
O6 BGC E . 22.39 6.44 4.00
C2 BGC F . 6.76 17.85 -1.45
C3 BGC F . 6.64 19.36 -1.39
C4 BGC F . 8.03 19.96 -1.20
C5 BGC F . 8.98 19.53 -2.31
C6 BGC F . 10.43 20.03 -2.14
C1 BGC F . 7.70 17.53 -2.61
O1 BGC F . 7.92 16.13 -2.78
O2 BGC F . 5.47 17.23 -1.54
O3 BGC F . 5.76 19.74 -0.34
O4 BGC F . 7.93 21.38 -1.22
O5 BGC F . 8.99 18.13 -2.38
O6 BGC F . 11.18 19.83 -3.37
C2 BGC G . -8.12 17.22 -10.32
C3 BGC G . -6.93 16.52 -9.69
C4 BGC G . -5.76 16.74 -10.62
C5 BGC G . -5.59 18.26 -10.85
C6 BGC G . -4.71 18.61 -12.03
C1 BGC G . -7.88 18.71 -10.26
O1 BGC G . -9.04 19.43 -10.71
O2 BGC G . -9.35 16.94 -9.67
O3 BGC G . -7.22 15.14 -9.43
O4 BGC G . -4.56 16.16 -10.07
O5 BGC G . -6.81 18.99 -11.13
O6 BGC G . -5.02 17.85 -13.21
C1 EDO H . -18.38 -11.35 -2.98
O1 EDO H . -19.13 -12.34 -2.28
C2 EDO H . -17.15 -10.96 -2.24
O2 EDO H . -16.57 -9.77 -2.69
NA NA I . 5.21 -0.12 -0.08
NA NA J . 17.55 -4.04 -3.39
NA NA K . 1.51 -1.80 -16.07
NA NA L . -1.28 0.42 3.84
CL CL M . -15.36 -14.85 1.80
CL CL N . 18.12 -1.05 15.79
CL CL O . -5.80 -23.03 -2.14
CL CL P . 9.73 10.27 -14.79
CL CL Q . -11.35 9.53 12.94
CL CL R . 0.31 -24.90 -5.93
CL CL S . -15.36 -4.70 8.40
#